data_7LY1
#
_entry.id   7LY1
#
_cell.length_a   68.095
_cell.length_b   83.502
_cell.length_c   88.419
_cell.angle_alpha   90.000
_cell.angle_beta   90.000
_cell.angle_gamma   90.000
#
_symmetry.space_group_name_H-M   'P 21 21 21'
#
loop_
_entity.id
_entity.type
_entity.pdbx_description
1 polymer 'Peptidoglycan D,D-transpeptidase FtsI'
2 non-polymer Vaborbactam
3 water water
#
_entity_poly.entity_id   1
_entity_poly.type   'polypeptide(L)'
_entity_poly.pdbx_seq_one_letter_code
;MGHHHHHHARSVRHIAIPAHRGLITDRNGEPLAVSTPVTTLWANPKELMTAKERWPQLAAALGQDTKLFADRIEQNAERE
FIYLVRGLTPEQGEGVIALKVPGVYSIEEFRRFYPAGEVVAHAVGFTDVDDRGREGIELAFDEWLAGVPGKRQVLKDRRG
RVIKDVQVTKNAKPGKTLALSIDLRLQYLAHRELRNALLENGAKAGSLVIMDVKTGEILAMTNQPTYNPNNRRNLQPAAM
RNRAMIDVFEPGSTVKPFSMSAALASGRWKPSDIVDVYPGTLQIGRYTIRDVSRNSRQLDLTGILIKSSNVGISKIAFDI
GAESIYSVMQQVGLGQDTGLGFPGERVGNLPNHRKWPKAETATLAYGYGLSVTAIQLAHAYAALANDGKSVPLSMTRVDR
VPDGVQVISPEVASTVQGMLQQVVEAQGGVFRAQVPGYHAAGKSGTARKVSVGTKGYRENAYRSLFAGFAPATDPRIAMV
VVIDEPSKAGYFGGLVSAPVFSKVMAGALRLMNVPPDNLPTATEQQQVNAAPAKGGRG
;
_entity_poly.pdbx_strand_id   A
#
loop_
_chem_comp.id
_chem_comp.type
_chem_comp.name
_chem_comp.formula
4D6 non-polymer Vaborbactam 'C12 H16 B N O5 S'
#
# COMPACT_ATOMS: atom_id res chain seq x y z
N ALA A 16 30.20 23.00 2.76
CA ALA A 16 29.92 21.56 2.47
C ALA A 16 29.37 21.42 1.05
N ILE A 17 29.87 20.44 0.29
CA ILE A 17 29.55 20.22 -1.15
C ILE A 17 28.32 19.31 -1.24
N PRO A 18 27.14 19.83 -1.65
CA PRO A 18 25.92 19.00 -1.71
C PRO A 18 26.04 17.86 -2.73
N ALA A 19 25.96 16.61 -2.25
CA ALA A 19 26.15 15.37 -3.05
C ALA A 19 24.96 15.17 -4.01
N HIS A 20 25.18 14.43 -5.10
CA HIS A 20 24.15 14.00 -6.07
C HIS A 20 23.32 12.86 -5.48
N ARG A 21 22.03 13.07 -5.22
CA ARG A 21 21.12 12.07 -4.61
C ARG A 21 20.83 10.95 -5.62
N GLY A 22 21.00 9.69 -5.21
CA GLY A 22 20.91 8.48 -6.06
C GLY A 22 19.58 8.36 -6.81
N LEU A 23 19.62 7.81 -8.02
CA LEU A 23 18.45 7.59 -8.91
C LEU A 23 17.53 6.52 -8.32
N ILE A 24 16.22 6.79 -8.23
CA ILE A 24 15.19 5.73 -7.97
C ILE A 24 14.53 5.36 -9.30
N THR A 25 14.57 4.06 -9.64
CA THR A 25 13.90 3.50 -10.84
C THR A 25 12.86 2.47 -10.42
N ASP A 26 11.98 2.08 -11.35
CA ASP A 26 11.08 0.91 -11.20
C ASP A 26 11.93 -0.33 -11.42
N ARG A 27 11.33 -1.52 -11.38
CA ARG A 27 12.08 -2.80 -11.50
C ARG A 27 12.75 -2.94 -12.88
N ASN A 28 12.34 -2.17 -13.91
CA ASN A 28 12.90 -2.27 -15.29
C ASN A 28 13.67 -1.00 -15.67
N GLY A 29 14.08 -0.19 -14.69
CA GLY A 29 14.96 0.96 -14.92
C GLY A 29 14.23 2.21 -15.38
N GLU A 30 12.90 2.27 -15.32
CA GLU A 30 12.14 3.51 -15.62
C GLU A 30 12.39 4.48 -14.46
N PRO A 31 12.77 5.75 -14.74
CA PRO A 31 13.07 6.73 -13.70
C PRO A 31 11.83 7.19 -12.91
N LEU A 32 11.93 7.12 -11.57
CA LEU A 32 10.81 7.46 -10.66
C LEU A 32 11.18 8.70 -9.84
N ALA A 33 12.46 8.91 -9.52
CA ALA A 33 12.96 10.10 -8.80
C ALA A 33 14.34 10.48 -9.32
N VAL A 34 14.49 11.70 -9.85
CA VAL A 34 15.73 12.18 -10.50
C VAL A 34 16.16 13.49 -9.84
N SER A 35 17.44 13.58 -9.49
CA SER A 35 18.10 14.81 -8.95
C SER A 35 18.23 15.84 -10.07
N THR A 36 17.51 16.97 -9.93
CA THR A 36 17.50 18.10 -10.90
C THR A 36 18.41 19.21 -10.37
N PRO A 37 19.44 19.62 -11.14
CA PRO A 37 20.18 20.86 -10.86
C PRO A 37 19.29 22.09 -10.62
N VAL A 38 19.53 22.78 -9.50
CA VAL A 38 18.91 24.09 -9.13
C VAL A 38 20.02 25.03 -8.64
N THR A 39 19.69 26.31 -8.44
CA THR A 39 20.64 27.37 -8.00
C THR A 39 20.10 28.03 -6.74
N THR A 40 20.84 27.94 -5.63
CA THR A 40 20.63 28.74 -4.41
C THR A 40 21.55 29.97 -4.47
N LEU A 41 20.99 31.15 -4.19
CA LEU A 41 21.76 32.43 -4.17
C LEU A 41 21.86 32.89 -2.73
N TRP A 42 23.07 33.15 -2.25
CA TRP A 42 23.34 33.76 -0.93
C TRP A 42 23.99 35.14 -1.15
N ALA A 43 24.04 35.97 -0.11
CA ALA A 43 24.62 37.33 -0.20
C ALA A 43 25.50 37.61 1.00
N ASN A 44 26.63 38.27 0.78
CA ASN A 44 27.45 38.89 1.86
C ASN A 44 26.88 40.29 2.07
N PRO A 45 25.88 40.48 2.99
CA PRO A 45 25.26 41.79 3.21
C PRO A 45 26.29 42.93 3.23
N LYS A 46 27.37 42.74 3.99
CA LYS A 46 28.56 43.65 4.05
C LYS A 46 28.88 44.18 2.64
N GLU A 47 28.83 43.31 1.62
CA GLU A 47 29.13 43.67 0.21
C GLU A 47 27.87 44.22 -0.47
N LEU A 48 26.69 43.65 -0.17
CA LEU A 48 25.37 44.13 -0.69
C LEU A 48 25.13 45.59 -0.28
N MET A 49 25.47 45.93 0.96
CA MET A 49 25.27 47.28 1.56
C MET A 49 26.08 48.34 0.80
N THR A 50 27.05 47.92 -0.01
CA THR A 50 27.89 48.82 -0.85
C THR A 50 27.21 49.10 -2.21
N ALA A 51 26.05 48.50 -2.49
CA ALA A 51 25.43 48.54 -3.84
C ALA A 51 23.89 48.62 -3.74
N LYS A 52 23.39 49.51 -2.88
CA LYS A 52 21.94 49.71 -2.61
C LYS A 52 21.20 50.08 -3.90
N GLU A 53 21.83 50.78 -4.86
CA GLU A 53 21.15 51.22 -6.10
C GLU A 53 20.82 50.00 -6.98
N ARG A 54 21.46 48.87 -6.73
CA ARG A 54 21.22 47.61 -7.50
C ARG A 54 20.04 46.81 -6.89
N TRP A 55 19.66 47.10 -5.65
CA TRP A 55 18.71 46.26 -4.88
C TRP A 55 17.38 46.10 -5.61
N PRO A 56 16.75 47.18 -6.13
CA PRO A 56 15.44 47.03 -6.79
C PRO A 56 15.48 46.05 -7.96
N GLN A 57 16.47 46.15 -8.85
CA GLN A 57 16.62 45.19 -9.98
C GLN A 57 16.77 43.77 -9.42
N LEU A 58 17.56 43.60 -8.35
CA LEU A 58 17.81 42.28 -7.71
C LEU A 58 16.50 41.76 -7.09
N ALA A 59 15.79 42.60 -6.33
CA ALA A 59 14.47 42.28 -5.73
C ALA A 59 13.52 41.74 -6.81
N ALA A 60 13.30 42.51 -7.89
CA ALA A 60 12.50 42.12 -9.07
C ALA A 60 12.89 40.71 -9.54
N ALA A 61 14.17 40.46 -9.79
CA ALA A 61 14.71 39.19 -10.34
C ALA A 61 14.46 38.02 -9.38
N LEU A 62 14.11 38.29 -8.12
CA LEU A 62 13.88 37.27 -7.06
C LEU A 62 12.38 37.09 -6.78
N GLY A 63 11.53 37.91 -7.40
CA GLY A 63 10.07 37.92 -7.18
C GLY A 63 9.68 38.74 -5.95
N GLN A 64 10.64 39.04 -5.08
CA GLN A 64 10.41 39.75 -3.78
C GLN A 64 10.06 41.21 -4.04
N ASP A 65 9.34 41.83 -3.10
CA ASP A 65 8.97 43.27 -3.12
C ASP A 65 10.21 44.13 -2.84
N THR A 66 10.29 45.31 -3.43
CA THR A 66 11.46 46.22 -3.33
C THR A 66 11.66 46.60 -1.87
N LYS A 67 10.61 47.03 -1.19
CA LYS A 67 10.64 47.55 0.20
C LYS A 67 11.07 46.44 1.17
N LEU A 68 10.46 45.24 1.08
CA LEU A 68 10.70 44.13 2.05
C LEU A 68 12.10 43.54 1.84
N PHE A 69 12.50 43.36 0.58
CA PHE A 69 13.88 42.99 0.18
C PHE A 69 14.86 43.94 0.88
N ALA A 70 14.66 45.26 0.73
CA ALA A 70 15.53 46.31 1.31
C ALA A 70 15.52 46.24 2.85
N ASP A 71 14.34 46.02 3.46
CA ASP A 71 14.17 45.87 4.93
C ASP A 71 15.05 44.70 5.41
N ARG A 72 14.87 43.53 4.81
CA ARG A 72 15.61 42.27 5.09
C ARG A 72 17.13 42.52 5.11
N ILE A 73 17.69 43.10 4.05
CA ILE A 73 19.17 43.30 3.89
C ILE A 73 19.69 44.31 4.92
N GLU A 74 18.97 45.42 5.14
CA GLU A 74 19.36 46.46 6.13
C GLU A 74 19.50 45.79 7.50
N GLN A 75 18.49 44.99 7.89
CA GLN A 75 18.37 44.34 9.22
C GLN A 75 19.55 43.38 9.47
N ASN A 76 20.02 42.68 8.42
CA ASN A 76 21.04 41.61 8.52
C ASN A 76 22.36 42.11 7.91
N ALA A 77 22.65 43.41 8.08
CA ALA A 77 23.83 44.10 7.51
C ALA A 77 25.11 43.72 8.29
N GLU A 78 24.94 43.17 9.50
CA GLU A 78 26.03 42.67 10.37
C GLU A 78 26.54 41.32 9.85
N ARG A 79 25.62 40.40 9.54
CA ARG A 79 25.87 39.02 9.04
C ARG A 79 26.75 39.07 7.79
N GLU A 80 27.75 38.18 7.69
CA GLU A 80 28.64 38.02 6.52
C GLU A 80 28.05 36.99 5.55
N PHE A 81 26.87 36.46 5.86
CA PHE A 81 26.13 35.47 5.03
C PHE A 81 24.64 35.49 5.40
N ILE A 82 23.79 35.38 4.36
CA ILE A 82 22.36 34.99 4.43
C ILE A 82 22.04 34.28 3.12
N TYR A 83 21.00 33.46 3.09
CA TYR A 83 20.36 32.98 1.84
C TYR A 83 19.57 34.16 1.25
N LEU A 84 19.47 34.23 -0.07
CA LEU A 84 18.55 35.15 -0.79
C LEU A 84 17.33 34.34 -1.22
N VAL A 85 17.56 33.30 -2.01
CA VAL A 85 16.52 32.36 -2.53
C VAL A 85 17.15 30.98 -2.70
N ARG A 86 16.35 29.92 -2.57
CA ARG A 86 16.79 28.52 -2.77
C ARG A 86 15.98 27.90 -3.92
N GLY A 87 16.65 27.05 -4.71
CA GLY A 87 15.99 26.12 -5.63
C GLY A 87 15.47 26.79 -6.90
N LEU A 88 16.02 27.94 -7.29
CA LEU A 88 15.80 28.55 -8.63
C LEU A 88 16.25 27.56 -9.70
N THR A 89 15.60 27.52 -10.86
CA THR A 89 16.13 26.85 -12.08
C THR A 89 17.48 27.52 -12.41
N PRO A 90 18.47 26.79 -12.99
CA PRO A 90 19.70 27.42 -13.47
C PRO A 90 19.47 28.69 -14.32
N GLU A 91 18.41 28.71 -15.13
CA GLU A 91 18.07 29.84 -16.05
C GLU A 91 17.78 31.10 -15.22
N GLN A 92 16.87 31.00 -14.24
CA GLN A 92 16.55 32.07 -13.25
C GLN A 92 17.84 32.50 -12.52
N GLY A 93 18.69 31.52 -12.18
CA GLY A 93 19.99 31.73 -11.50
C GLY A 93 20.96 32.55 -12.34
N GLU A 94 21.05 32.24 -13.64
CA GLU A 94 21.93 32.94 -14.62
C GLU A 94 21.46 34.38 -14.78
N GLY A 95 20.14 34.61 -14.89
CA GLY A 95 19.50 35.93 -14.98
C GLY A 95 19.93 36.84 -13.83
N VAL A 96 19.99 36.31 -12.60
CA VAL A 96 20.34 37.07 -11.36
C VAL A 96 21.85 37.32 -11.34
N ILE A 97 22.65 36.35 -11.79
CA ILE A 97 24.14 36.47 -11.84
C ILE A 97 24.51 37.49 -12.93
N ALA A 98 23.72 37.56 -14.01
CA ALA A 98 23.91 38.46 -15.16
C ALA A 98 23.72 39.94 -14.74
N LEU A 99 23.02 40.20 -13.62
CA LEU A 99 22.88 41.58 -13.07
C LEU A 99 24.23 42.10 -12.58
N LYS A 100 25.15 41.22 -12.19
CA LYS A 100 26.52 41.56 -11.74
C LYS A 100 26.43 42.44 -10.48
N VAL A 101 25.60 42.05 -9.52
CA VAL A 101 25.41 42.76 -8.23
C VAL A 101 26.51 42.29 -7.28
N PRO A 102 27.34 43.21 -6.73
CA PRO A 102 28.32 42.85 -5.70
C PRO A 102 27.67 42.19 -4.48
N GLY A 103 28.28 41.12 -3.95
CA GLY A 103 27.89 40.48 -2.68
C GLY A 103 26.85 39.37 -2.89
N VAL A 104 26.59 39.01 -4.15
CA VAL A 104 25.62 37.95 -4.54
C VAL A 104 26.40 36.80 -5.17
N TYR A 105 26.36 35.61 -4.55
CA TYR A 105 27.06 34.37 -4.96
C TYR A 105 26.07 33.21 -5.05
N SER A 106 26.40 32.22 -5.89
CA SER A 106 25.53 31.05 -6.22
C SER A 106 26.22 29.75 -5.81
N ILE A 107 25.45 28.83 -5.20
CA ILE A 107 25.81 27.41 -4.96
C ILE A 107 24.90 26.56 -5.87
N GLU A 108 25.45 25.49 -6.47
CA GLU A 108 24.69 24.47 -7.24
C GLU A 108 24.10 23.46 -6.25
N GLU A 109 22.77 23.34 -6.22
CA GLU A 109 22.03 22.39 -5.35
C GLU A 109 21.24 21.41 -6.23
N PHE A 110 20.64 20.39 -5.62
CA PHE A 110 19.83 19.35 -6.28
C PHE A 110 18.43 19.32 -5.66
N ARG A 111 17.41 19.49 -6.49
CA ARG A 111 15.98 19.25 -6.13
C ARG A 111 15.53 17.98 -6.87
N ARG A 112 14.48 17.33 -6.39
CA ARG A 112 13.98 16.08 -6.99
C ARG A 112 12.90 16.40 -8.01
N PHE A 113 12.93 15.72 -9.15
CA PHE A 113 11.79 15.60 -10.07
C PHE A 113 11.30 14.13 -10.09
N TYR A 114 9.99 13.96 -10.19
CA TYR A 114 9.27 12.65 -10.15
C TYR A 114 8.50 12.50 -11.44
N PRO A 115 9.06 11.84 -12.48
CA PRO A 115 8.43 11.79 -13.80
C PRO A 115 7.06 11.10 -13.84
N ALA A 116 6.82 10.08 -13.02
CA ALA A 116 5.52 9.35 -12.96
C ALA A 116 4.50 10.14 -12.12
N GLY A 117 4.96 11.10 -11.30
CA GLY A 117 4.09 12.03 -10.55
C GLY A 117 3.16 11.31 -9.60
N GLU A 118 1.86 11.56 -9.74
CA GLU A 118 0.81 11.14 -8.77
C GLU A 118 0.63 9.61 -8.82
N VAL A 119 1.02 9.00 -9.93
CA VAL A 119 0.85 7.55 -10.23
C VAL A 119 1.58 6.70 -9.18
N VAL A 120 2.73 7.16 -8.65
CA VAL A 120 3.53 6.37 -7.68
C VAL A 120 4.03 7.27 -6.54
N ALA A 121 3.22 8.27 -6.16
CA ALA A 121 3.54 9.32 -5.16
C ALA A 121 3.82 8.70 -3.79
N HIS A 122 2.86 7.94 -3.29
CA HIS A 122 2.89 7.33 -1.93
C HIS A 122 4.09 6.38 -1.82
N ALA A 123 4.27 5.49 -2.80
CA ALA A 123 5.36 4.49 -2.78
C ALA A 123 6.73 5.20 -2.76
N VAL A 124 6.96 6.17 -3.65
CA VAL A 124 8.31 6.80 -3.83
C VAL A 124 8.54 7.86 -2.74
N GLY A 125 7.50 8.62 -2.39
CA GLY A 125 7.55 9.70 -1.41
C GLY A 125 8.15 10.95 -2.03
N PHE A 126 8.83 11.77 -1.23
CA PHE A 126 9.52 12.99 -1.69
C PHE A 126 10.53 13.47 -0.64
N THR A 127 11.40 14.38 -1.07
CA THR A 127 12.44 15.04 -0.25
C THR A 127 11.88 16.36 0.29
N ASP A 128 12.38 16.80 1.45
CA ASP A 128 12.08 18.15 2.01
C ASP A 128 12.93 19.20 1.25
N VAL A 129 12.88 20.45 1.72
CA VAL A 129 13.60 21.62 1.13
C VAL A 129 15.11 21.35 1.04
N ASP A 130 15.67 20.55 1.96
CA ASP A 130 17.14 20.29 2.09
C ASP A 130 17.58 19.05 1.33
N ASP A 131 16.73 18.52 0.43
CA ASP A 131 17.06 17.37 -0.46
C ASP A 131 17.15 16.08 0.37
N ARG A 132 16.38 16.02 1.48
CA ARG A 132 16.40 14.94 2.50
C ARG A 132 15.03 14.23 2.47
N GLY A 133 15.01 12.91 2.62
CA GLY A 133 13.80 12.07 2.48
C GLY A 133 12.78 12.35 3.57
N ARG A 134 11.54 12.60 3.20
CA ARG A 134 10.44 13.04 4.11
C ARG A 134 9.27 12.05 4.10
N GLU A 135 9.12 11.27 3.02
CA GLU A 135 8.02 10.28 2.83
C GLU A 135 8.54 9.06 2.07
N GLY A 136 7.81 7.95 2.14
CA GLY A 136 7.94 6.74 1.31
C GLY A 136 9.37 6.26 1.20
N ILE A 137 9.78 5.80 0.02
CA ILE A 137 11.13 5.20 -0.24
C ILE A 137 12.22 6.24 -0.04
N GLU A 138 12.00 7.50 -0.40
CA GLU A 138 12.98 8.60 -0.17
C GLU A 138 13.40 8.63 1.30
N LEU A 139 12.44 8.59 2.23
CA LEU A 139 12.67 8.51 3.69
C LEU A 139 13.32 7.16 4.03
N ALA A 140 12.67 6.04 3.71
CA ALA A 140 13.09 4.68 4.12
C ALA A 140 14.53 4.40 3.71
N PHE A 141 14.95 4.75 2.49
CA PHE A 141 16.32 4.45 1.98
C PHE A 141 17.15 5.75 1.91
N ASP A 142 16.86 6.73 2.77
CA ASP A 142 17.50 8.08 2.75
C ASP A 142 19.02 7.92 2.76
N GLU A 143 19.56 7.02 3.59
CA GLU A 143 21.02 6.85 3.81
C GLU A 143 21.68 6.31 2.54
N TRP A 144 21.02 5.37 1.86
CA TRP A 144 21.52 4.73 0.61
C TRP A 144 21.52 5.75 -0.55
N LEU A 145 20.46 6.55 -0.64
CA LEU A 145 20.20 7.52 -1.73
C LEU A 145 20.99 8.83 -1.53
N ALA A 146 21.25 9.25 -0.29
CA ALA A 146 21.79 10.60 0.02
C ALA A 146 23.26 10.71 -0.40
N GLY A 147 24.05 9.65 -0.26
CA GLY A 147 25.52 9.73 -0.33
C GLY A 147 26.06 10.54 0.84
N VAL A 148 27.22 11.19 0.67
CA VAL A 148 27.88 11.98 1.75
C VAL A 148 28.36 13.32 1.20
N PRO A 149 27.94 14.47 1.80
CA PRO A 149 28.41 15.78 1.37
C PRO A 149 29.80 16.12 1.92
N ALA A 172 32.95 15.19 -2.00
CA ALA A 172 31.58 14.70 -1.71
C ALA A 172 31.22 13.56 -2.67
N LYS A 173 30.81 12.41 -2.12
CA LYS A 173 30.51 11.16 -2.86
C LYS A 173 29.01 11.12 -3.21
N PRO A 174 28.63 10.68 -4.42
CA PRO A 174 27.23 10.66 -4.83
C PRO A 174 26.46 9.47 -4.22
N GLY A 175 25.15 9.61 -4.05
CA GLY A 175 24.24 8.57 -3.54
C GLY A 175 24.05 7.46 -4.56
N LYS A 176 23.54 6.30 -4.14
CA LYS A 176 23.50 5.08 -4.98
C LYS A 176 22.11 4.90 -5.59
N THR A 177 22.09 4.38 -6.82
CA THR A 177 20.86 3.97 -7.55
C THR A 177 20.07 2.95 -6.73
N LEU A 178 18.74 3.10 -6.71
CA LEU A 178 17.80 2.15 -6.06
C LEU A 178 16.72 1.74 -7.06
N ALA A 179 16.67 0.44 -7.40
CA ALA A 179 15.63 -0.19 -8.24
C ALA A 179 14.50 -0.70 -7.34
N LEU A 180 13.30 -0.14 -7.48
CA LEU A 180 12.12 -0.62 -6.71
C LEU A 180 11.63 -1.94 -7.29
N SER A 181 10.90 -2.69 -6.47
CA SER A 181 10.09 -3.88 -6.83
C SER A 181 8.94 -3.45 -7.76
N ILE A 182 8.49 -2.19 -7.67
CA ILE A 182 7.31 -1.64 -8.41
C ILE A 182 7.54 -1.80 -9.92
N ASP A 183 6.56 -2.36 -10.64
CA ASP A 183 6.51 -2.36 -12.13
C ASP A 183 5.61 -1.19 -12.54
N LEU A 184 6.17 -0.14 -13.17
CA LEU A 184 5.41 1.10 -13.49
C LEU A 184 4.17 0.77 -14.34
N ARG A 185 4.29 -0.25 -15.19
CA ARG A 185 3.20 -0.69 -16.11
C ARG A 185 2.04 -1.21 -15.27
N LEU A 186 2.32 -2.08 -14.28
CA LEU A 186 1.29 -2.60 -13.34
C LEU A 186 0.80 -1.46 -12.45
N GLN A 187 1.70 -0.57 -12.02
CA GLN A 187 1.35 0.58 -11.14
C GLN A 187 0.35 1.49 -11.86
N TYR A 188 0.59 1.80 -13.14
CA TYR A 188 -0.32 2.69 -13.91
C TYR A 188 -1.71 2.05 -14.04
N LEU A 189 -1.76 0.78 -14.43
CA LEU A 189 -3.04 0.02 -14.54
C LEU A 189 -3.78 0.07 -13.21
N ALA A 190 -3.10 -0.27 -12.11
CA ALA A 190 -3.69 -0.30 -10.76
C ALA A 190 -4.22 1.09 -10.43
N HIS A 191 -3.40 2.12 -10.62
CA HIS A 191 -3.76 3.53 -10.34
C HIS A 191 -5.05 3.89 -11.11
N ARG A 192 -5.08 3.59 -12.41
CA ARG A 192 -6.20 3.97 -13.30
C ARG A 192 -7.49 3.29 -12.82
N GLU A 193 -7.43 1.97 -12.58
CA GLU A 193 -8.61 1.16 -12.23
C GLU A 193 -9.12 1.54 -10.83
N LEU A 194 -8.22 1.80 -9.87
CA LEU A 194 -8.66 2.21 -8.51
C LEU A 194 -9.36 3.58 -8.60
N ARG A 195 -8.85 4.49 -9.45
CA ARG A 195 -9.40 5.87 -9.59
C ARG A 195 -10.82 5.76 -10.14
N ASN A 196 -11.01 4.95 -11.19
CA ASN A 196 -12.29 4.71 -11.90
C ASN A 196 -13.29 4.03 -10.95
N ALA A 197 -12.82 3.18 -10.04
CA ALA A 197 -13.66 2.47 -9.03
C ALA A 197 -14.16 3.47 -7.98
N LEU A 198 -13.33 4.43 -7.56
CA LEU A 198 -13.69 5.42 -6.51
C LEU A 198 -14.82 6.32 -7.04
N LEU A 199 -14.69 6.74 -8.30
CA LEU A 199 -15.62 7.67 -8.99
C LEU A 199 -16.95 6.95 -9.25
N GLU A 200 -16.91 5.72 -9.75
CA GLU A 200 -18.11 4.89 -10.06
C GLU A 200 -18.91 4.57 -8.79
N ASN A 201 -18.27 4.54 -7.61
CA ASN A 201 -18.91 4.12 -6.33
C ASN A 201 -19.03 5.31 -5.36
N GLY A 202 -18.65 6.51 -5.80
CA GLY A 202 -18.63 7.73 -4.96
C GLY A 202 -17.93 7.49 -3.64
N ALA A 203 -16.75 6.86 -3.66
CA ALA A 203 -16.00 6.47 -2.44
C ALA A 203 -15.04 7.60 -2.04
N LYS A 204 -14.71 7.68 -0.74
CA LYS A 204 -13.85 8.76 -0.17
C LYS A 204 -12.38 8.36 -0.33
N ALA A 205 -12.04 7.07 -0.32
CA ALA A 205 -10.64 6.61 -0.41
C ALA A 205 -10.59 5.16 -0.88
N GLY A 206 -9.36 4.69 -1.14
CA GLY A 206 -9.09 3.34 -1.62
C GLY A 206 -7.60 3.02 -1.58
N SER A 207 -7.29 1.73 -1.58
CA SER A 207 -5.93 1.16 -1.65
C SER A 207 -5.98 -0.06 -2.55
N LEU A 208 -4.92 -0.28 -3.32
CA LEU A 208 -4.70 -1.54 -4.07
C LEU A 208 -3.23 -1.93 -3.94
N VAL A 209 -2.96 -3.16 -3.50
CA VAL A 209 -1.58 -3.71 -3.43
C VAL A 209 -1.53 -4.95 -4.31
N ILE A 210 -0.48 -5.07 -5.13
CA ILE A 210 -0.19 -6.28 -5.93
C ILE A 210 1.16 -6.80 -5.46
N MET A 211 1.25 -8.11 -5.24
CA MET A 211 2.48 -8.78 -4.77
C MET A 211 2.80 -9.97 -5.66
N ASP A 212 4.09 -10.16 -5.90
CA ASP A 212 4.65 -11.42 -6.45
C ASP A 212 4.73 -12.43 -5.31
N VAL A 213 3.97 -13.53 -5.38
CA VAL A 213 3.83 -14.51 -4.26
C VAL A 213 5.14 -15.27 -4.07
N LYS A 214 5.97 -15.35 -5.11
CA LYS A 214 7.21 -16.16 -5.16
C LYS A 214 8.41 -15.38 -4.58
N THR A 215 8.43 -14.05 -4.67
CA THR A 215 9.63 -13.21 -4.40
C THR A 215 9.41 -12.24 -3.23
N GLY A 216 8.16 -12.08 -2.75
CA GLY A 216 7.79 -11.10 -1.70
C GLY A 216 7.75 -9.67 -2.22
N GLU A 217 7.93 -9.45 -3.53
CA GLU A 217 8.03 -8.11 -4.12
C GLU A 217 6.65 -7.45 -4.21
N ILE A 218 6.57 -6.17 -3.83
CA ILE A 218 5.39 -5.30 -4.10
C ILE A 218 5.50 -4.79 -5.54
N LEU A 219 4.62 -5.24 -6.43
CA LEU A 219 4.65 -4.93 -7.87
C LEU A 219 3.87 -3.65 -8.13
N ALA A 220 2.89 -3.35 -7.28
CA ALA A 220 2.09 -2.12 -7.31
C ALA A 220 1.56 -1.80 -5.92
N MET A 221 1.51 -0.53 -5.61
CA MET A 221 0.89 0.00 -4.36
C MET A 221 0.34 1.38 -4.70
N THR A 222 -0.97 1.51 -4.79
CA THR A 222 -1.65 2.77 -5.16
C THR A 222 -2.70 3.09 -4.09
N ASN A 223 -2.86 4.38 -3.77
CA ASN A 223 -3.94 4.89 -2.90
C ASN A 223 -4.66 6.03 -3.62
N GLN A 224 -5.95 6.17 -3.33
CA GLN A 224 -6.77 7.37 -3.63
C GLN A 224 -7.27 7.90 -2.29
N PRO A 225 -7.30 9.24 -2.07
CA PRO A 225 -6.82 10.20 -3.06
C PRO A 225 -5.27 10.24 -3.09
N THR A 226 -4.73 10.74 -4.21
CA THR A 226 -3.27 10.89 -4.43
C THR A 226 -2.96 12.37 -4.65
N TYR A 227 -1.68 12.69 -4.86
CA TYR A 227 -1.18 14.08 -5.00
C TYR A 227 0.00 14.07 -5.98
N ASN A 228 0.24 15.22 -6.60
CA ASN A 228 1.41 15.43 -7.49
C ASN A 228 2.59 15.84 -6.61
N PRO A 229 3.61 14.97 -6.44
CA PRO A 229 4.76 15.29 -5.60
C PRO A 229 5.70 16.37 -6.19
N ASN A 230 5.47 16.78 -7.44
CA ASN A 230 6.23 17.88 -8.11
C ASN A 230 5.64 19.24 -7.73
N ASN A 231 4.37 19.30 -7.32
CA ASN A 231 3.68 20.56 -6.92
C ASN A 231 3.12 20.40 -5.51
N ARG A 232 3.93 20.69 -4.49
CA ARG A 232 3.55 20.61 -3.05
C ARG A 232 3.46 22.02 -2.47
N ARG A 233 2.67 22.90 -3.07
CA ARG A 233 2.48 24.31 -2.61
C ARG A 233 1.38 24.34 -1.54
N ASN A 234 0.18 23.86 -1.89
CA ASN A 234 -1.06 23.95 -1.07
C ASN A 234 -1.87 22.67 -1.30
N LEU A 235 -1.52 21.61 -0.57
CA LEU A 235 -2.11 20.25 -0.74
C LEU A 235 -2.16 19.55 0.64
N GLN A 236 -3.22 18.79 0.87
CA GLN A 236 -3.63 18.32 2.22
C GLN A 236 -2.74 17.15 2.65
N PRO A 237 -2.45 17.02 3.96
CA PRO A 237 -1.88 15.79 4.52
C PRO A 237 -2.78 14.56 4.27
N ALA A 238 -4.09 14.76 4.10
CA ALA A 238 -5.09 13.73 3.73
C ALA A 238 -4.67 13.00 2.45
N ALA A 239 -4.29 13.75 1.41
CA ALA A 239 -3.93 13.23 0.06
C ALA A 239 -2.58 12.51 0.10
N MET A 240 -1.71 12.88 1.04
CA MET A 240 -0.33 12.35 1.18
C MET A 240 -0.29 11.04 2.01
N ARG A 241 -1.40 10.64 2.63
CA ARG A 241 -1.48 9.42 3.49
C ARG A 241 -1.26 8.19 2.61
N ASN A 242 -0.21 7.40 2.88
CA ASN A 242 0.03 6.09 2.23
C ASN A 242 -0.87 5.06 2.91
N ARG A 243 -2.16 5.05 2.55
CA ARG A 243 -3.23 4.30 3.27
C ARG A 243 -2.90 2.80 3.31
N ALA A 244 -2.35 2.26 2.22
CA ALA A 244 -1.98 0.82 2.09
C ALA A 244 -1.13 0.42 3.30
N MET A 245 -0.33 1.34 3.85
CA MET A 245 0.68 1.04 4.90
C MET A 245 0.32 1.63 6.27
N ILE A 246 -0.60 2.59 6.35
CA ILE A 246 -0.85 3.32 7.65
C ILE A 246 -2.31 3.18 8.09
N ASP A 247 -3.27 2.98 7.18
CA ASP A 247 -4.70 2.82 7.55
C ASP A 247 -4.90 1.40 8.09
N VAL A 248 -5.31 1.27 9.35
CA VAL A 248 -5.59 -0.07 9.96
C VAL A 248 -7.10 -0.25 9.95
N PHE A 249 -7.56 -1.45 9.64
CA PHE A 249 -9.00 -1.81 9.53
C PHE A 249 -9.21 -3.25 9.96
N GLU A 250 -10.43 -3.53 10.42
CA GLU A 250 -10.95 -4.90 10.65
C GLU A 250 -11.09 -5.57 9.28
N PRO A 251 -10.41 -6.71 9.05
CA PRO A 251 -10.38 -7.32 7.73
C PRO A 251 -11.68 -8.09 7.42
N GLY A 252 -12.46 -8.39 8.47
CA GLY A 252 -13.71 -9.14 8.39
C GLY A 252 -13.53 -10.45 7.65
N SER A 253 -14.47 -10.77 6.76
CA SER A 253 -14.55 -12.08 6.06
C SER A 253 -13.27 -12.42 5.27
N THR A 254 -12.40 -11.46 4.94
CA THR A 254 -11.13 -11.75 4.19
C THR A 254 -10.14 -12.56 5.02
N VAL A 255 -10.35 -12.73 6.33
CA VAL A 255 -9.45 -13.61 7.14
C VAL A 255 -10.15 -14.91 7.48
N LYS A 256 -11.39 -15.14 7.05
CA LYS A 256 -12.09 -16.45 7.26
C LYS A 256 -11.26 -17.57 6.65
N PRO A 257 -10.54 -17.37 5.52
CA PRO A 257 -9.68 -18.42 4.96
C PRO A 257 -8.56 -18.90 5.88
N PHE A 258 -8.04 -18.03 6.75
CA PHE A 258 -6.97 -18.39 7.71
C PHE A 258 -7.58 -19.18 8.86
N SER A 259 -8.77 -18.79 9.34
CA SER A 259 -9.59 -19.57 10.29
C SER A 259 -9.80 -20.98 9.73
N MET A 260 -10.13 -21.10 8.44
CA MET A 260 -10.34 -22.39 7.75
C MET A 260 -9.02 -23.16 7.64
N SER A 261 -7.88 -22.50 7.45
CA SER A 261 -6.53 -23.15 7.38
C SER A 261 -6.26 -23.84 8.72
N ALA A 262 -6.54 -23.14 9.82
CA ALA A 262 -6.46 -23.65 11.20
C ALA A 262 -7.40 -24.86 11.35
N ALA A 263 -8.60 -24.81 10.77
CA ALA A 263 -9.61 -25.89 10.85
C ALA A 263 -9.05 -27.15 10.16
N LEU A 264 -8.53 -27.00 8.94
CA LEU A 264 -8.02 -28.14 8.14
C LEU A 264 -6.71 -28.68 8.73
N ALA A 265 -5.95 -27.88 9.47
CA ALA A 265 -4.65 -28.28 10.07
C ALA A 265 -4.90 -28.98 11.41
N SER A 266 -6.11 -28.88 11.96
CA SER A 266 -6.45 -29.40 13.31
C SER A 266 -6.56 -30.93 13.30
N GLY A 267 -6.79 -31.52 12.12
CA GLY A 267 -7.09 -32.94 11.95
C GLY A 267 -8.57 -33.25 12.18
N ARG A 268 -9.40 -32.24 12.45
CA ARG A 268 -10.81 -32.44 12.89
C ARG A 268 -11.80 -32.08 11.78
N TRP A 269 -11.34 -31.50 10.68
CA TRP A 269 -12.20 -30.89 9.63
C TRP A 269 -11.65 -31.22 8.25
N LYS A 270 -12.53 -31.60 7.33
CA LYS A 270 -12.26 -31.75 5.88
C LYS A 270 -13.25 -30.87 5.13
N PRO A 271 -12.99 -30.49 3.86
CA PRO A 271 -13.85 -29.58 3.11
C PRO A 271 -15.32 -30.01 2.98
N SER A 272 -15.58 -31.33 2.95
CA SER A 272 -16.92 -31.93 2.73
C SER A 272 -17.72 -32.01 4.05
N ASP A 273 -17.11 -31.66 5.18
CA ASP A 273 -17.82 -31.62 6.48
C ASP A 273 -18.87 -30.52 6.46
N ILE A 274 -19.92 -30.71 7.27
CA ILE A 274 -21.13 -29.83 7.29
C ILE A 274 -21.19 -29.13 8.64
N VAL A 275 -21.64 -27.87 8.65
CA VAL A 275 -22.00 -27.12 9.87
C VAL A 275 -23.45 -26.61 9.72
N ASP A 276 -24.25 -26.76 10.77
CA ASP A 276 -25.63 -26.22 10.83
C ASP A 276 -25.56 -24.75 11.30
N VAL A 277 -25.89 -23.82 10.41
CA VAL A 277 -25.81 -22.36 10.71
C VAL A 277 -27.22 -21.79 10.97
N TYR A 278 -28.28 -22.60 10.91
CA TYR A 278 -29.69 -22.14 11.14
C TYR A 278 -29.82 -21.68 12.59
N PRO A 279 -30.51 -20.55 12.91
CA PRO A 279 -31.18 -19.68 11.94
C PRO A 279 -30.43 -18.44 11.42
N GLY A 280 -29.10 -18.50 11.36
CA GLY A 280 -28.26 -17.40 10.86
C GLY A 280 -27.86 -16.43 11.97
N THR A 281 -28.15 -16.81 13.22
CA THR A 281 -27.75 -16.08 14.44
C THR A 281 -27.31 -17.11 15.48
N LEU A 282 -26.52 -16.68 16.46
CA LEU A 282 -26.01 -17.51 17.57
C LEU A 282 -25.72 -16.62 18.77
N GLN A 283 -26.46 -16.82 19.86
CA GLN A 283 -26.25 -16.12 21.16
C GLN A 283 -25.04 -16.75 21.85
N ILE A 284 -24.11 -15.90 22.30
CA ILE A 284 -22.95 -16.25 23.17
C ILE A 284 -22.98 -15.31 24.37
N GLY A 285 -23.71 -15.69 25.43
CA GLY A 285 -24.00 -14.80 26.57
C GLY A 285 -24.81 -13.58 26.13
N ARG A 286 -24.29 -12.37 26.37
CA ARG A 286 -24.93 -11.08 25.99
C ARG A 286 -24.66 -10.81 24.51
N TYR A 287 -23.66 -11.46 23.91
CA TYR A 287 -23.25 -11.28 22.50
C TYR A 287 -24.11 -12.18 21.61
N THR A 288 -24.57 -11.64 20.48
CA THR A 288 -25.28 -12.37 19.39
C THR A 288 -24.44 -12.29 18.12
N ILE A 289 -23.96 -13.43 17.62
CA ILE A 289 -23.32 -13.55 16.27
C ILE A 289 -24.45 -13.56 15.24
N ARG A 290 -24.34 -12.76 14.18
CA ARG A 290 -25.38 -12.57 13.16
C ARG A 290 -24.74 -12.69 11.77
N ASP A 291 -25.29 -13.57 10.92
CA ASP A 291 -24.94 -13.72 9.49
C ASP A 291 -25.72 -12.66 8.70
N VAL A 292 -25.11 -12.08 7.65
CA VAL A 292 -25.76 -11.05 6.79
C VAL A 292 -26.89 -11.73 6.00
N SER A 293 -26.64 -12.93 5.48
CA SER A 293 -27.66 -13.79 4.82
C SER A 293 -28.02 -14.94 5.77
N ARG A 294 -29.31 -15.21 5.96
CA ARG A 294 -29.83 -16.10 7.03
C ARG A 294 -30.89 -17.05 6.46
N ASN A 295 -30.65 -17.63 5.27
CA ASN A 295 -31.56 -18.62 4.62
C ASN A 295 -30.83 -19.96 4.43
N SER A 296 -29.94 -20.33 5.37
CA SER A 296 -29.11 -21.56 5.31
C SER A 296 -29.34 -22.38 6.56
N ARG A 297 -29.20 -23.71 6.45
CA ARG A 297 -29.06 -24.65 7.59
C ARG A 297 -27.68 -25.32 7.47
N GLN A 298 -27.59 -26.43 6.74
CA GLN A 298 -26.32 -27.17 6.54
C GLN A 298 -25.52 -26.47 5.43
N LEU A 299 -24.27 -26.11 5.76
CA LEU A 299 -23.23 -25.67 4.79
C LEU A 299 -22.00 -26.57 4.96
N ASP A 300 -21.38 -26.98 3.86
CA ASP A 300 -20.00 -27.53 3.85
C ASP A 300 -19.04 -26.36 3.97
N LEU A 301 -17.74 -26.62 4.15
CA LEU A 301 -16.76 -25.57 4.54
C LEU A 301 -16.61 -24.57 3.40
N THR A 302 -16.68 -25.03 2.16
CA THR A 302 -16.65 -24.15 0.96
C THR A 302 -17.86 -23.22 1.01
N GLY A 303 -19.02 -23.75 1.39
CA GLY A 303 -20.29 -23.00 1.55
C GLY A 303 -20.18 -21.93 2.61
N ILE A 304 -19.50 -22.23 3.72
CA ILE A 304 -19.25 -21.23 4.81
C ILE A 304 -18.48 -20.04 4.23
N LEU A 305 -17.48 -20.29 3.39
CA LEU A 305 -16.72 -19.21 2.70
C LEU A 305 -17.63 -18.54 1.67
N ILE A 306 -18.38 -19.27 0.84
CA ILE A 306 -19.20 -18.65 -0.24
C ILE A 306 -20.23 -17.74 0.43
N LYS A 307 -20.86 -18.20 1.52
CA LYS A 307 -21.94 -17.45 2.21
C LYS A 307 -21.33 -16.44 3.19
N SER A 308 -20.01 -16.48 3.42
CA SER A 308 -19.32 -15.70 4.49
C SER A 308 -20.09 -15.84 5.81
N SER A 309 -20.41 -17.07 6.24
CA SER A 309 -21.23 -17.34 7.44
C SER A 309 -20.39 -17.15 8.71
N ASN A 310 -20.71 -16.12 9.50
CA ASN A 310 -20.05 -15.83 10.80
C ASN A 310 -20.41 -16.92 11.80
N VAL A 311 -21.65 -17.42 11.75
CA VAL A 311 -22.13 -18.53 12.61
C VAL A 311 -21.31 -19.78 12.30
N GLY A 312 -21.13 -20.08 11.01
CA GLY A 312 -20.43 -21.29 10.52
C GLY A 312 -19.00 -21.33 10.99
N ILE A 313 -18.27 -20.23 10.78
CA ILE A 313 -16.83 -20.12 11.15
C ILE A 313 -16.70 -20.04 12.68
N SER A 314 -17.63 -19.39 13.37
CA SER A 314 -17.66 -19.31 14.85
C SER A 314 -17.76 -20.73 15.44
N LYS A 315 -18.64 -21.57 14.90
CA LYS A 315 -18.86 -22.95 15.42
C LYS A 315 -17.61 -23.81 15.17
N ILE A 316 -16.94 -23.64 14.04
CA ILE A 316 -15.66 -24.33 13.74
C ILE A 316 -14.60 -23.85 14.75
N ALA A 317 -14.56 -22.55 15.03
CA ALA A 317 -13.60 -21.90 15.96
C ALA A 317 -13.79 -22.45 17.39
N PHE A 318 -15.03 -22.63 17.85
CA PHE A 318 -15.32 -23.22 19.19
C PHE A 318 -14.73 -24.63 19.26
N ASP A 319 -14.82 -25.38 18.15
CA ASP A 319 -14.38 -26.79 18.09
C ASP A 319 -12.84 -26.85 18.12
N ILE A 320 -12.13 -26.01 17.36
CA ILE A 320 -10.64 -26.13 17.19
C ILE A 320 -9.90 -25.29 18.24
N GLY A 321 -10.56 -24.28 18.83
CA GLY A 321 -9.95 -23.36 19.80
C GLY A 321 -9.29 -22.16 19.12
N ALA A 322 -9.37 -21.00 19.76
CA ALA A 322 -8.87 -19.70 19.23
C ALA A 322 -7.35 -19.75 19.02
N GLU A 323 -6.63 -20.47 19.89
CA GLU A 323 -5.16 -20.54 19.90
C GLU A 323 -4.65 -20.91 18.50
N SER A 324 -5.25 -21.92 17.87
CA SER A 324 -4.89 -22.41 16.52
C SER A 324 -5.16 -21.31 15.48
N ILE A 325 -6.19 -20.48 15.66
CA ILE A 325 -6.56 -19.41 14.69
C ILE A 325 -5.59 -18.24 14.85
N TYR A 326 -5.40 -17.78 16.09
CA TYR A 326 -4.40 -16.75 16.43
C TYR A 326 -3.05 -17.09 15.79
N SER A 327 -2.57 -18.31 16.02
CA SER A 327 -1.25 -18.80 15.57
C SER A 327 -1.09 -18.67 14.05
N VAL A 328 -2.08 -19.09 13.27
CA VAL A 328 -2.02 -19.02 11.78
C VAL A 328 -1.98 -17.53 11.41
N MET A 329 -2.86 -16.73 11.99
CA MET A 329 -2.92 -15.30 11.63
C MET A 329 -1.61 -14.60 12.01
N GLN A 330 -1.02 -14.94 13.15
CA GLN A 330 0.27 -14.38 13.62
C GLN A 330 1.36 -14.72 12.60
N GLN A 331 1.37 -15.97 12.13
CA GLN A 331 2.46 -16.55 11.28
C GLN A 331 2.39 -15.97 9.85
N VAL A 332 1.20 -15.70 9.33
CA VAL A 332 1.07 -15.12 7.96
C VAL A 332 1.26 -13.59 8.02
N GLY A 333 1.38 -13.03 9.24
CA GLY A 333 1.88 -11.66 9.50
C GLY A 333 0.78 -10.64 9.79
N LEU A 334 -0.46 -11.06 10.06
CA LEU A 334 -1.57 -10.11 10.39
C LEU A 334 -1.29 -9.49 11.77
N GLY A 335 -1.28 -8.16 11.85
CA GLY A 335 -0.94 -7.40 13.07
C GLY A 335 0.52 -7.50 13.46
N GLN A 336 1.40 -7.95 12.56
CA GLN A 336 2.86 -8.13 12.82
C GLN A 336 3.64 -7.10 12.00
N ASP A 337 4.83 -6.75 12.47
CA ASP A 337 5.77 -5.81 11.81
C ASP A 337 6.14 -6.40 10.45
N THR A 338 5.98 -5.63 9.37
CA THR A 338 6.24 -6.08 7.97
C THR A 338 7.75 -6.10 7.69
N GLY A 339 8.55 -5.40 8.51
CA GLY A 339 10.01 -5.26 8.37
C GLY A 339 10.41 -4.28 7.27
N LEU A 340 9.48 -3.54 6.68
CA LEU A 340 9.79 -2.65 5.52
C LEU A 340 10.45 -1.34 5.99
N GLY A 341 10.34 -1.01 7.29
CA GLY A 341 10.98 0.18 7.89
C GLY A 341 10.59 1.48 7.19
N PHE A 342 9.33 1.61 6.79
CA PHE A 342 8.70 2.90 6.38
C PHE A 342 8.24 3.63 7.64
N PRO A 343 8.89 4.73 8.06
CA PRO A 343 8.48 5.43 9.29
C PRO A 343 7.03 5.90 9.20
N GLY A 344 6.28 5.73 10.29
CA GLY A 344 4.82 5.99 10.34
C GLY A 344 4.00 4.83 9.80
N GLU A 345 4.64 3.75 9.35
CA GLU A 345 3.97 2.46 9.02
C GLU A 345 3.25 1.95 10.28
N ARG A 346 1.96 1.62 10.17
CA ARG A 346 1.17 1.07 11.30
C ARG A 346 1.28 -0.47 11.26
N VAL A 347 1.33 -1.09 12.44
CA VAL A 347 1.48 -2.56 12.64
C VAL A 347 0.09 -3.17 12.91
N GLY A 348 -0.88 -2.34 13.32
CA GLY A 348 -2.23 -2.80 13.69
C GLY A 348 -2.16 -3.63 14.96
N ASN A 349 -3.06 -4.59 15.13
CA ASN A 349 -3.19 -5.35 16.39
C ASN A 349 -3.86 -6.71 16.15
N LEU A 350 -3.20 -7.76 16.63
CA LEU A 350 -3.75 -9.12 16.74
C LEU A 350 -4.01 -9.40 18.21
N PRO A 351 -5.28 -9.45 18.67
CA PRO A 351 -5.56 -9.64 20.10
C PRO A 351 -5.13 -11.04 20.55
N ASN A 352 -4.58 -11.18 21.76
CA ASN A 352 -4.15 -12.47 22.34
C ASN A 352 -4.76 -12.65 23.73
N HIS A 353 -4.94 -13.90 24.15
CA HIS A 353 -5.48 -14.28 25.49
C HIS A 353 -4.76 -15.51 26.00
N ARG A 354 -4.66 -15.67 27.32
CA ARG A 354 -4.25 -16.95 27.96
C ARG A 354 -5.43 -17.91 27.79
N LYS A 355 -6.60 -17.50 28.29
CA LYS A 355 -7.90 -18.21 28.18
C LYS A 355 -8.84 -17.36 27.33
N TRP A 356 -9.14 -17.82 26.12
CA TRP A 356 -9.98 -17.10 25.11
C TRP A 356 -11.45 -17.23 25.50
N PRO A 357 -12.17 -16.14 25.81
CA PRO A 357 -13.63 -16.22 25.95
C PRO A 357 -14.23 -16.58 24.58
N LYS A 358 -15.40 -17.19 24.59
CA LYS A 358 -16.11 -17.66 23.38
C LYS A 358 -16.37 -16.48 22.42
N ALA A 359 -16.79 -15.33 22.94
CA ALA A 359 -17.14 -14.14 22.11
C ALA A 359 -15.91 -13.72 21.31
N GLU A 360 -14.74 -13.60 21.95
CA GLU A 360 -13.47 -13.15 21.33
C GLU A 360 -13.00 -14.20 20.33
N THR A 361 -13.12 -15.49 20.67
CA THR A 361 -12.85 -16.66 19.78
C THR A 361 -13.62 -16.51 18.46
N ALA A 362 -14.93 -16.29 18.52
CA ALA A 362 -15.82 -16.12 17.35
C ALA A 362 -15.37 -14.91 16.54
N THR A 363 -15.27 -13.75 17.18
CA THR A 363 -15.01 -12.44 16.50
C THR A 363 -13.64 -12.49 15.81
N LEU A 364 -12.60 -13.05 16.46
CA LEU A 364 -11.30 -13.32 15.81
C LEU A 364 -11.52 -14.14 14.52
N ALA A 365 -12.25 -15.25 14.62
CA ALA A 365 -12.44 -16.24 13.53
C ALA A 365 -13.13 -15.60 12.32
N TYR A 366 -14.13 -14.72 12.51
CA TYR A 366 -14.83 -14.11 11.35
C TYR A 366 -14.26 -12.71 11.05
N GLY A 367 -13.21 -12.29 11.76
CA GLY A 367 -12.30 -11.20 11.32
C GLY A 367 -12.61 -9.84 11.93
N TYR A 368 -13.24 -9.79 13.11
CA TYR A 368 -13.41 -8.53 13.88
C TYR A 368 -12.57 -8.65 15.16
N GLY A 369 -12.24 -7.51 15.76
CA GLY A 369 -11.41 -7.47 16.98
C GLY A 369 -9.91 -7.50 16.69
N LEU A 370 -9.51 -7.68 15.42
CA LEU A 370 -8.11 -7.48 14.95
C LEU A 370 -8.09 -6.33 13.95
N SER A 371 -6.95 -5.64 13.89
CA SER A 371 -6.68 -4.49 12.99
C SER A 371 -5.45 -4.82 12.15
N VAL A 372 -5.57 -4.65 10.83
CA VAL A 372 -4.47 -4.94 9.86
C VAL A 372 -4.40 -3.80 8.86
N THR A 373 -3.32 -3.79 8.08
CA THR A 373 -3.12 -2.91 6.91
C THR A 373 -3.31 -3.74 5.64
N ALA A 374 -3.60 -3.09 4.50
CA ALA A 374 -3.72 -3.72 3.18
C ALA A 374 -2.43 -4.49 2.83
N ILE A 375 -1.25 -3.96 3.18
CA ILE A 375 0.05 -4.63 2.87
CA ILE A 375 0.05 -4.64 2.85
C ILE A 375 0.13 -5.97 3.62
N GLN A 376 -0.31 -5.99 4.89
CA GLN A 376 -0.30 -7.22 5.72
C GLN A 376 -1.24 -8.25 5.09
N LEU A 377 -2.44 -7.83 4.71
CA LEU A 377 -3.47 -8.74 4.16
C LEU A 377 -2.94 -9.37 2.85
N ALA A 378 -2.31 -8.56 2.00
CA ALA A 378 -1.72 -8.98 0.71
C ALA A 378 -0.62 -10.00 0.98
N HIS A 379 0.24 -9.72 1.95
CA HIS A 379 1.35 -10.59 2.40
C HIS A 379 0.80 -11.93 2.89
N ALA A 380 -0.28 -11.91 3.68
CA ALA A 380 -0.94 -13.12 4.20
C ALA A 380 -1.46 -13.95 3.01
N TYR A 381 -2.10 -13.30 2.04
CA TYR A 381 -2.65 -13.97 0.83
C TYR A 381 -1.50 -14.49 -0.05
N ALA A 382 -0.37 -13.77 -0.09
CA ALA A 382 0.82 -14.21 -0.86
C ALA A 382 1.35 -15.53 -0.29
N ALA A 383 1.35 -15.72 1.02
CA ALA A 383 1.82 -16.96 1.69
C ALA A 383 0.89 -18.12 1.36
N LEU A 384 -0.43 -17.90 1.44
CA LEU A 384 -1.45 -18.91 1.05
C LEU A 384 -1.25 -19.34 -0.41
N ALA A 385 -1.08 -18.36 -1.29
CA ALA A 385 -0.91 -18.54 -2.75
C ALA A 385 0.41 -19.28 -3.06
N ASN A 386 1.45 -19.04 -2.27
CA ASN A 386 2.81 -19.62 -2.48
C ASN A 386 2.90 -20.96 -1.74
N ASP A 387 1.83 -21.77 -1.79
CA ASP A 387 1.74 -23.14 -1.21
C ASP A 387 2.13 -23.11 0.28
N GLY A 388 1.74 -22.05 0.98
CA GLY A 388 1.86 -21.91 2.44
C GLY A 388 3.21 -21.34 2.87
N LYS A 389 4.04 -20.88 1.93
CA LYS A 389 5.40 -20.36 2.24
C LYS A 389 5.40 -18.83 2.17
N SER A 390 5.69 -18.18 3.30
CA SER A 390 5.87 -16.71 3.45
C SER A 390 7.29 -16.32 3.04
N VAL A 391 7.42 -15.45 2.03
CA VAL A 391 8.70 -14.83 1.61
C VAL A 391 8.68 -13.39 2.12
N PRO A 392 9.78 -12.87 2.71
CA PRO A 392 9.75 -11.53 3.32
C PRO A 392 9.36 -10.49 2.26
N LEU A 393 8.50 -9.55 2.66
CA LEU A 393 8.07 -8.37 1.87
C LEU A 393 9.28 -7.55 1.45
N SER A 394 9.28 -7.06 0.22
CA SER A 394 10.32 -6.14 -0.31
C SER A 394 9.67 -5.05 -1.17
N MET A 395 10.14 -3.80 -1.01
CA MET A 395 9.79 -2.66 -1.89
C MET A 395 10.93 -2.41 -2.88
N THR A 396 12.03 -3.17 -2.80
CA THR A 396 13.18 -3.08 -3.74
C THR A 396 13.21 -4.35 -4.59
N ARG A 397 13.74 -4.27 -5.81
CA ARG A 397 13.80 -5.41 -6.76
C ARG A 397 14.61 -6.52 -6.10
N VAL A 398 14.03 -7.73 -6.06
CA VAL A 398 14.66 -8.94 -5.45
C VAL A 398 15.31 -9.75 -6.57
N ASP A 399 16.64 -9.82 -6.59
CA ASP A 399 17.42 -10.57 -7.60
C ASP A 399 17.68 -11.98 -7.07
N ARG A 400 18.05 -12.09 -5.79
CA ARG A 400 18.29 -13.36 -5.06
C ARG A 400 17.18 -13.49 -4.03
N VAL A 401 16.26 -14.43 -4.22
CA VAL A 401 15.03 -14.55 -3.38
C VAL A 401 15.46 -15.19 -2.07
N PRO A 402 15.25 -14.53 -0.91
CA PRO A 402 15.48 -15.17 0.39
C PRO A 402 14.64 -16.45 0.55
N ASP A 403 15.13 -17.39 1.38
CA ASP A 403 14.40 -18.62 1.78
C ASP A 403 13.08 -18.18 2.45
N GLY A 404 11.98 -18.86 2.15
CA GLY A 404 10.68 -18.57 2.78
C GLY A 404 10.52 -19.34 4.07
N VAL A 405 9.55 -18.96 4.90
CA VAL A 405 9.11 -19.76 6.09
C VAL A 405 7.83 -20.50 5.72
N GLN A 406 7.82 -21.81 5.86
CA GLN A 406 6.59 -22.64 5.72
C GLN A 406 5.70 -22.35 6.92
N VAL A 407 4.67 -21.52 6.75
CA VAL A 407 3.79 -21.03 7.85
C VAL A 407 2.48 -21.81 7.87
N ILE A 408 2.08 -22.36 6.72
CA ILE A 408 0.92 -23.29 6.53
C ILE A 408 1.44 -24.51 5.75
N SER A 409 1.10 -25.73 6.15
CA SER A 409 1.55 -26.95 5.42
C SER A 409 1.10 -26.85 3.96
N PRO A 410 1.91 -27.32 2.98
CA PRO A 410 1.56 -27.20 1.57
C PRO A 410 0.21 -27.85 1.21
N GLU A 411 -0.21 -28.89 1.92
CA GLU A 411 -1.47 -29.62 1.62
C GLU A 411 -2.67 -28.75 2.06
N VAL A 412 -2.59 -28.16 3.24
CA VAL A 412 -3.67 -27.27 3.75
C VAL A 412 -3.76 -26.06 2.80
N ALA A 413 -2.63 -25.51 2.40
CA ALA A 413 -2.56 -24.33 1.51
C ALA A 413 -3.24 -24.68 0.18
N SER A 414 -2.90 -25.85 -0.37
CA SER A 414 -3.45 -26.37 -1.64
C SER A 414 -4.97 -26.48 -1.54
N THR A 415 -5.48 -27.06 -0.45
CA THR A 415 -6.93 -27.25 -0.20
C THR A 415 -7.61 -25.89 -0.10
N VAL A 416 -7.05 -24.97 0.70
CA VAL A 416 -7.68 -23.62 0.90
C VAL A 416 -7.69 -22.87 -0.45
N GLN A 417 -6.66 -23.03 -1.28
CA GLN A 417 -6.61 -22.44 -2.64
C GLN A 417 -7.80 -22.93 -3.47
N GLY A 418 -8.07 -24.25 -3.47
CA GLY A 418 -9.17 -24.87 -4.24
C GLY A 418 -10.51 -24.31 -3.79
N MET A 419 -10.71 -24.18 -2.49
CA MET A 419 -11.94 -23.62 -1.87
C MET A 419 -12.13 -22.16 -2.30
N LEU A 420 -11.05 -21.37 -2.31
CA LEU A 420 -11.11 -19.93 -2.70
C LEU A 420 -11.33 -19.82 -4.21
N GLN A 421 -10.90 -20.81 -4.99
CA GLN A 421 -11.21 -20.88 -6.44
C GLN A 421 -12.73 -21.10 -6.59
N GLN A 422 -13.31 -21.98 -5.75
CA GLN A 422 -14.78 -22.24 -5.72
C GLN A 422 -15.52 -20.98 -5.29
N VAL A 423 -14.98 -20.20 -4.34
CA VAL A 423 -15.64 -18.94 -3.88
C VAL A 423 -15.85 -18.02 -5.09
N VAL A 424 -14.92 -17.99 -6.04
CA VAL A 424 -15.01 -17.12 -7.25
C VAL A 424 -15.88 -17.78 -8.34
N GLU A 425 -15.83 -19.11 -8.49
CA GLU A 425 -16.31 -19.84 -9.70
C GLU A 425 -17.63 -20.57 -9.47
N ALA A 426 -17.98 -20.93 -8.23
CA ALA A 426 -19.16 -21.77 -7.91
C ALA A 426 -20.44 -20.92 -8.01
N GLN A 427 -21.59 -21.59 -8.17
CA GLN A 427 -22.94 -20.96 -8.18
C GLN A 427 -23.10 -20.12 -6.90
N GLY A 428 -23.50 -18.86 -7.01
CA GLY A 428 -23.71 -17.94 -5.87
C GLY A 428 -22.41 -17.35 -5.34
N GLY A 429 -21.29 -17.58 -6.04
CA GLY A 429 -19.93 -17.10 -5.65
C GLY A 429 -19.67 -15.68 -6.10
N VAL A 430 -18.43 -15.21 -5.95
CA VAL A 430 -18.02 -13.82 -6.33
C VAL A 430 -17.62 -13.82 -7.80
N PHE A 431 -18.61 -14.03 -8.68
CA PHE A 431 -18.45 -14.16 -10.16
C PHE A 431 -17.80 -12.90 -10.73
N ARG A 432 -17.98 -11.73 -10.12
CA ARG A 432 -17.38 -10.46 -10.61
C ARG A 432 -15.86 -10.46 -10.40
N ALA A 433 -15.30 -11.42 -9.64
CA ALA A 433 -13.84 -11.57 -9.40
C ALA A 433 -13.22 -12.43 -10.50
N GLN A 434 -14.04 -13.14 -11.28
CA GLN A 434 -13.56 -14.08 -12.34
C GLN A 434 -12.65 -13.31 -13.30
N VAL A 435 -11.57 -13.96 -13.76
CA VAL A 435 -10.53 -13.36 -14.63
C VAL A 435 -10.54 -14.13 -15.94
N PRO A 436 -11.19 -13.61 -16.99
CA PRO A 436 -11.25 -14.27 -18.29
C PRO A 436 -9.91 -14.87 -18.73
N GLY A 437 -9.87 -16.18 -19.00
CA GLY A 437 -8.68 -16.91 -19.46
C GLY A 437 -7.97 -17.63 -18.34
N TYR A 438 -8.26 -17.28 -17.08
CA TYR A 438 -7.56 -17.79 -15.88
C TYR A 438 -8.57 -18.29 -14.85
N HIS A 439 -8.14 -19.25 -14.01
CA HIS A 439 -8.76 -19.57 -12.71
C HIS A 439 -8.22 -18.57 -11.68
N ALA A 440 -9.07 -17.66 -11.20
CA ALA A 440 -8.80 -16.76 -10.06
C ALA A 440 -9.39 -17.38 -8.79
N ALA A 441 -8.82 -17.04 -7.65
CA ALA A 441 -9.26 -17.47 -6.31
C ALA A 441 -9.28 -16.24 -5.41
N GLY A 442 -10.20 -16.17 -4.44
CA GLY A 442 -10.21 -15.05 -3.50
C GLY A 442 -11.42 -15.03 -2.59
N LYS A 443 -11.52 -13.97 -1.81
CA LYS A 443 -12.53 -13.85 -0.73
C LYS A 443 -12.89 -12.38 -0.62
N SER A 444 -14.20 -12.08 -0.66
CA SER A 444 -14.74 -10.72 -0.42
C SER A 444 -14.83 -10.48 1.09
N GLY A 445 -14.88 -9.20 1.47
CA GLY A 445 -15.24 -8.77 2.82
C GLY A 445 -15.99 -7.46 2.78
N THR A 446 -16.80 -7.20 3.80
CA THR A 446 -17.48 -5.92 4.08
C THR A 446 -17.49 -5.73 5.60
N ALA A 447 -17.04 -4.57 6.09
CA ALA A 447 -17.12 -4.19 7.52
C ALA A 447 -17.88 -2.86 7.63
N ARG A 448 -18.56 -2.63 8.75
CA ARG A 448 -19.11 -1.30 9.14
C ARG A 448 -17.99 -0.52 9.85
N LYS A 449 -17.92 0.80 9.62
CA LYS A 449 -16.96 1.71 10.29
C LYS A 449 -17.63 2.32 11.52
N ASN A 460 -24.49 4.81 8.25
CA ASN A 460 -23.90 3.45 8.12
C ASN A 460 -22.92 3.42 6.94
N ALA A 461 -21.67 3.82 7.19
CA ALA A 461 -20.54 3.75 6.25
C ALA A 461 -19.99 2.31 6.25
N TYR A 462 -19.42 1.88 5.12
CA TYR A 462 -18.86 0.52 4.91
C TYR A 462 -17.44 0.61 4.35
N ARG A 463 -16.67 -0.46 4.53
CA ARG A 463 -15.38 -0.74 3.87
C ARG A 463 -15.56 -2.00 3.04
N SER A 464 -15.31 -1.91 1.74
CA SER A 464 -15.44 -3.03 0.78
C SER A 464 -14.06 -3.61 0.47
N LEU A 465 -13.88 -4.92 0.64
CA LEU A 465 -12.57 -5.61 0.51
CA LEU A 465 -12.57 -5.61 0.51
C LEU A 465 -12.70 -6.76 -0.49
N PHE A 466 -11.67 -6.97 -1.30
CA PHE A 466 -11.46 -8.24 -2.02
C PHE A 466 -9.95 -8.54 -1.96
N ALA A 467 -9.63 -9.77 -1.59
CA ALA A 467 -8.24 -10.30 -1.50
C ALA A 467 -8.24 -11.60 -2.29
N GLY A 468 -7.28 -11.77 -3.18
CA GLY A 468 -7.20 -13.00 -3.97
C GLY A 468 -5.86 -13.16 -4.64
N PHE A 469 -5.77 -14.13 -5.53
CA PHE A 469 -4.53 -14.47 -6.26
C PHE A 469 -4.93 -15.24 -7.51
N ALA A 470 -4.04 -15.28 -8.49
CA ALA A 470 -4.22 -15.98 -9.76
C ALA A 470 -2.84 -16.23 -10.37
N PRO A 471 -2.69 -17.22 -11.29
CA PRO A 471 -3.72 -18.23 -11.58
C PRO A 471 -3.88 -19.22 -10.42
N ALA A 472 -5.09 -19.75 -10.23
CA ALA A 472 -5.49 -20.55 -9.04
C ALA A 472 -4.70 -21.85 -8.95
N THR A 473 -4.22 -22.36 -10.08
CA THR A 473 -3.53 -23.68 -10.17
C THR A 473 -2.03 -23.49 -9.97
N ASP A 474 -1.45 -22.38 -10.45
CA ASP A 474 -0.02 -22.03 -10.23
C ASP A 474 0.11 -20.55 -9.86
N PRO A 475 -0.20 -20.17 -8.60
CA PRO A 475 -0.32 -18.75 -8.24
C PRO A 475 0.99 -17.97 -8.45
N ARG A 476 0.86 -16.79 -9.07
CA ARG A 476 1.96 -15.86 -9.39
C ARG A 476 1.78 -14.54 -8.62
N ILE A 477 0.54 -14.04 -8.54
CA ILE A 477 0.17 -12.68 -8.07
CA ILE A 477 0.28 -12.71 -7.94
C ILE A 477 -0.89 -12.79 -6.97
N ALA A 478 -0.73 -12.05 -5.86
CA ALA A 478 -1.75 -11.81 -4.84
C ALA A 478 -2.13 -10.34 -4.93
N MET A 479 -3.38 -10.02 -4.65
CA MET A 479 -3.89 -8.63 -4.76
C MET A 479 -4.91 -8.38 -3.67
N VAL A 480 -4.87 -7.20 -3.09
CA VAL A 480 -5.90 -6.69 -2.14
C VAL A 480 -6.45 -5.39 -2.69
N VAL A 481 -7.78 -5.25 -2.71
CA VAL A 481 -8.51 -4.01 -3.10
C VAL A 481 -9.35 -3.58 -1.90
N VAL A 482 -9.09 -2.38 -1.39
CA VAL A 482 -9.84 -1.77 -0.26
C VAL A 482 -10.50 -0.49 -0.79
N ILE A 483 -11.82 -0.41 -0.77
CA ILE A 483 -12.55 0.84 -1.11
C ILE A 483 -13.38 1.27 0.11
N ASP A 484 -13.13 2.50 0.56
CA ASP A 484 -13.60 3.11 1.83
C ASP A 484 -14.86 3.94 1.54
N GLU A 485 -15.99 3.56 2.14
CA GLU A 485 -17.29 4.29 2.11
C GLU A 485 -17.78 4.45 0.67
N PRO A 486 -18.13 3.36 -0.03
CA PRO A 486 -18.84 3.46 -1.31
C PRO A 486 -20.26 3.97 -1.01
N SER A 487 -20.73 4.94 -1.79
CA SER A 487 -21.93 5.78 -1.51
C SER A 487 -23.07 5.44 -2.48
N LYS A 488 -22.86 4.48 -3.39
CA LYS A 488 -23.89 3.96 -4.32
C LYS A 488 -24.52 2.71 -3.70
N ALA A 489 -25.57 2.17 -4.32
CA ALA A 489 -26.52 1.19 -3.73
C ALA A 489 -25.77 -0.05 -3.21
N GLY A 490 -25.10 -0.80 -4.09
CA GLY A 490 -24.25 -1.94 -3.74
C GLY A 490 -23.01 -1.48 -2.98
N TYR A 491 -22.75 -2.06 -1.79
CA TYR A 491 -21.59 -1.71 -0.92
C TYR A 491 -20.80 -2.97 -0.53
N PHE A 492 -21.26 -4.16 -0.93
CA PHE A 492 -20.63 -5.46 -0.59
C PHE A 492 -19.31 -5.62 -1.36
N GLY A 493 -18.30 -6.21 -0.71
CA GLY A 493 -16.99 -6.54 -1.28
C GLY A 493 -17.07 -7.17 -2.67
N GLY A 494 -17.95 -8.16 -2.84
CA GLY A 494 -18.15 -8.90 -4.12
C GLY A 494 -18.73 -8.02 -5.23
N LEU A 495 -19.27 -6.84 -4.89
CA LEU A 495 -19.91 -5.92 -5.88
C LEU A 495 -18.96 -4.76 -6.20
N VAL A 496 -18.32 -4.22 -5.16
CA VAL A 496 -17.55 -2.94 -5.22
C VAL A 496 -16.10 -3.27 -5.58
N SER A 497 -15.46 -4.17 -4.85
CA SER A 497 -13.99 -4.38 -4.90
C SER A 497 -13.63 -5.48 -5.90
N ALA A 498 -14.48 -6.50 -6.06
CA ALA A 498 -14.20 -7.70 -6.88
C ALA A 498 -14.03 -7.34 -8.36
N PRO A 499 -14.87 -6.49 -8.98
CA PRO A 499 -14.65 -6.08 -10.38
C PRO A 499 -13.30 -5.39 -10.61
N VAL A 500 -12.82 -4.62 -9.62
CA VAL A 500 -11.49 -3.94 -9.66
C VAL A 500 -10.39 -5.00 -9.70
N PHE A 501 -10.52 -6.06 -8.87
CA PHE A 501 -9.59 -7.21 -8.81
C PHE A 501 -9.54 -7.87 -10.19
N SER A 502 -10.71 -8.19 -10.75
CA SER A 502 -10.85 -8.83 -12.08
C SER A 502 -10.01 -8.08 -13.13
N LYS A 503 -10.26 -6.79 -13.32
CA LYS A 503 -9.65 -5.97 -14.39
C LYS A 503 -8.16 -5.76 -14.12
N VAL A 504 -7.77 -5.45 -12.88
CA VAL A 504 -6.34 -5.22 -12.53
C VAL A 504 -5.59 -6.56 -12.69
N MET A 505 -6.16 -7.66 -12.19
CA MET A 505 -5.53 -9.00 -12.29
C MET A 505 -5.42 -9.41 -13.77
N ALA A 506 -6.48 -9.20 -14.55
CA ALA A 506 -6.49 -9.49 -16.00
C ALA A 506 -5.28 -8.80 -16.64
N GLY A 507 -5.17 -7.48 -16.46
CA GLY A 507 -4.07 -6.66 -16.99
C GLY A 507 -2.73 -7.12 -16.47
N ALA A 508 -2.60 -7.33 -15.15
CA ALA A 508 -1.34 -7.66 -14.45
C ALA A 508 -0.77 -8.97 -14.97
N LEU A 509 -1.61 -9.99 -15.18
CA LEU A 509 -1.16 -11.32 -15.66
C LEU A 509 -0.66 -11.20 -17.11
N ARG A 510 -1.28 -10.32 -17.91
CA ARG A 510 -0.93 -10.16 -19.34
C ARG A 510 0.38 -9.35 -19.44
N LEU A 511 0.58 -8.35 -18.58
CA LEU A 511 1.81 -7.51 -18.59
C LEU A 511 3.00 -8.37 -18.19
N MET A 512 2.78 -9.41 -17.38
CA MET A 512 3.84 -10.35 -16.92
C MET A 512 3.86 -11.61 -17.77
N ASN A 513 3.10 -11.65 -18.86
CA ASN A 513 3.15 -12.75 -19.86
C ASN A 513 2.96 -14.08 -19.15
N VAL A 514 2.03 -14.13 -18.18
CA VAL A 514 1.63 -15.40 -17.49
C VAL A 514 0.68 -16.14 -18.43
N PRO A 515 0.95 -17.45 -18.71
CA PRO A 515 0.15 -18.19 -19.68
C PRO A 515 -1.24 -18.53 -19.15
N PRO A 516 -2.32 -18.28 -19.95
CA PRO A 516 -3.66 -18.71 -19.58
C PRO A 516 -3.71 -20.18 -19.13
N ASP A 517 -4.35 -20.44 -17.98
CA ASP A 517 -4.37 -21.78 -17.30
C ASP A 517 -5.79 -22.37 -17.31
N ASN A 518 -6.75 -21.76 -18.02
CA ASN A 518 -8.13 -22.30 -18.20
C ASN A 518 -8.25 -22.77 -19.66
N LEU A 519 -7.67 -23.93 -19.96
CA LEU A 519 -7.51 -24.51 -21.32
C LEU A 519 -8.51 -25.66 -21.48
N PRO A 520 -8.68 -26.22 -22.71
CA PRO A 520 -9.53 -27.39 -22.91
C PRO A 520 -8.84 -28.70 -22.48
C1 4D6 B . -23.27 -5.93 6.29
C1 4D6 B . -23.56 -5.70 6.97
C3 4D6 B . -21.61 -6.59 7.98
C3 4D6 B . -21.46 -6.51 7.94
C5 4D6 B . -23.74 -5.77 7.54
C5 4D6 B . -22.51 -5.48 6.16
C7 4D6 B . -20.23 -8.69 8.44
C11 4D6 B . -20.04 -11.18 6.55
C12 4D6 B . -20.49 -10.65 5.19
C14 4D6 B . -19.35 -10.71 4.19
C17 4D6 B . -19.71 -9.97 2.92
O20 4D6 B . -17.94 -11.12 1.79
C18 4D6 B . -18.60 -10.06 1.87
O19 4D6 B . -18.43 -9.07 1.12
O16 4D6 B . -18.16 -10.07 4.68
B15 4D6 B . -17.65 -10.34 6.04
O27 4D6 B . -16.70 -9.30 6.34
C34 4D6 B . -18.91 -10.31 7.11
N9 4D6 B . -19.41 -8.97 7.42
O8 4D6 B . -20.76 -9.58 9.10
C6 4D6 B . -20.46 -7.22 8.72
C6 4D6 B . -20.42 -7.22 8.76
S2 4D6 B . -21.64 -6.44 6.28
S2 4D6 B . -23.10 -6.46 8.41
C4 4D6 B . -22.77 -6.05 8.54
C4 4D6 B . -21.26 -5.84 6.75
#